data_2W8Q
#
_entry.id   2W8Q
#
_cell.length_a   265.400
_cell.length_b   265.400
_cell.length_c   265.400
_cell.angle_alpha   90.00
_cell.angle_beta   90.00
_cell.angle_gamma   90.00
#
_symmetry.space_group_name_H-M   'F 4 3 2'
#
loop_
_entity.id
_entity.type
_entity.pdbx_description
1 polymer 'SUCCINATE-SEMIALDEHYDE DEHYDROGENASE, MITOCHONDRIAL'
2 non-polymer 'SULFATE ION'
3 non-polymer GLYCEROL
4 non-polymer 'SUCCINIC ACID'
5 water water
#
_entity_poly.entity_id   1
_entity_poly.type   'polypeptide(L)'
_entity_poly.pdbx_seq_one_letter_code
;GRLAGLSAALLRTDSFVGGRWLPAAATFPVQDPASGAALGMVADCGVREARAAVRAAYEAFCRWREVSAKERSSLLRKWY
NLMIQNKDDLARIITAESGKPLKEAHGEILYSAFFLEWFSEEARRVYGDIIHTPAKDRRALVLKQPIGVAAVITPWNFPS
AMITRKVGAALAAGCTVVVKPAEDTPFSALALAELASQAGIPSGVYNVIPCSRKNAKEVGEAICTDPLVSKISFTGSTTT
GKILLHHAANSVKRVSMELGGLAPFIVFDSANVDQAVAGAMASKFRNTGQTAVCSNQFLVQRGIHDAFVKAFAEAMKKNL
RVGNGFEEGTTQGPLINEKAVEKVEKQVNDAVSKGATVVTGGKRHQLGKNFFEPTLLCNVTQDMLCTHEETFGPLAPVIK
FDTEEEAIAIANAADVGLAGYFYSQDPAQIWRVAEQLEVGMVGVNEGLISSVECPFGGVKQSGLGREGSKYGIDEYLELK
YVCYGGL
;
_entity_poly.pdbx_strand_id   A
#
loop_
_chem_comp.id
_chem_comp.type
_chem_comp.name
_chem_comp.formula
GOL non-polymer GLYCEROL 'C3 H8 O3'
SIN non-polymer 'SUCCINIC ACID' 'C4 H6 O4'
SO4 non-polymer 'SULFATE ION' 'O4 S -2'
#
# COMPACT_ATOMS: atom_id res chain seq x y z
N LEU A 3 8.28 4.29 23.35
CA LEU A 3 9.02 3.02 23.04
C LEU A 3 8.26 1.78 23.54
N ALA A 4 8.11 1.68 24.88
CA ALA A 4 7.43 0.55 25.51
C ALA A 4 6.14 1.01 26.20
N GLY A 5 5.65 0.20 27.13
CA GLY A 5 4.42 0.53 27.84
C GLY A 5 3.23 -0.09 27.11
N LEU A 6 3.51 -0.69 25.95
CA LEU A 6 2.50 -1.33 25.13
C LEU A 6 1.93 -2.58 25.79
N SER A 7 0.71 -2.94 25.40
CA SER A 7 0.08 -4.13 25.92
C SER A 7 0.96 -5.26 25.37
N ALA A 8 1.77 -5.84 26.25
CA ALA A 8 2.69 -6.92 25.89
C ALA A 8 2.15 -7.86 24.82
N ALA A 9 0.84 -8.06 24.80
CA ALA A 9 0.21 -8.95 23.83
C ALA A 9 0.23 -8.41 22.40
N LEU A 10 0.29 -7.08 22.26
CA LEU A 10 0.31 -6.44 20.94
C LEU A 10 1.66 -6.54 20.25
N LEU A 11 2.74 -6.47 21.03
CA LEU A 11 4.08 -6.57 20.46
C LEU A 11 4.45 -8.05 20.43
N ARG A 12 4.56 -8.61 19.23
CA ARG A 12 4.87 -10.02 19.10
C ARG A 12 6.11 -10.34 18.26
N THR A 13 6.75 -11.45 18.59
CA THR A 13 7.96 -11.86 17.91
C THR A 13 7.85 -13.21 17.19
N ASP A 14 6.85 -14.01 17.52
CA ASP A 14 6.67 -15.31 16.87
C ASP A 14 5.73 -15.25 15.67
N SER A 15 5.80 -16.23 14.78
CA SER A 15 4.91 -16.26 13.63
C SER A 15 3.55 -16.71 14.19
N PHE A 16 2.49 -16.44 13.44
CA PHE A 16 1.13 -16.79 13.88
C PHE A 16 0.53 -17.73 12.84
N VAL A 17 0.52 -19.02 13.15
CA VAL A 17 0.00 -20.03 12.24
C VAL A 17 -0.95 -20.96 12.96
N GLY A 18 -2.05 -21.29 12.30
CA GLY A 18 -3.05 -22.18 12.88
C GLY A 18 -3.61 -21.77 14.23
N GLY A 19 -3.66 -20.47 14.50
CA GLY A 19 -4.19 -19.99 15.77
C GLY A 19 -3.17 -19.99 16.90
N ARG A 20 -1.96 -20.44 16.62
CA ARG A 20 -0.91 -20.49 17.65
C ARG A 20 0.34 -19.68 17.30
N TRP A 21 1.04 -19.24 18.33
CA TRP A 21 2.27 -18.49 18.13
C TRP A 21 3.43 -19.49 18.07
N LEU A 22 3.99 -19.65 16.87
CA LEU A 22 5.10 -20.57 16.68
C LEU A 22 6.41 -19.88 16.33
N PRO A 23 7.48 -20.12 17.12
CA PRO A 23 8.76 -19.48 16.81
C PRO A 23 9.39 -20.27 15.66
N ALA A 24 10.40 -19.71 15.02
CA ALA A 24 11.06 -20.38 13.91
C ALA A 24 12.47 -20.76 14.30
N ALA A 25 13.11 -21.61 13.50
CA ALA A 25 14.48 -22.03 13.82
C ALA A 25 15.42 -20.83 13.87
N ALA A 26 15.12 -19.82 13.06
CA ALA A 26 15.94 -18.61 13.01
C ALA A 26 15.14 -17.37 13.34
N THR A 27 15.83 -16.24 13.53
CA THR A 27 15.17 -14.98 13.81
C THR A 27 15.93 -13.88 13.08
N PHE A 28 15.32 -12.71 12.96
CA PHE A 28 15.99 -11.59 12.33
C PHE A 28 15.68 -10.37 13.20
N PRO A 29 16.65 -9.45 13.32
CA PRO A 29 16.50 -8.25 14.14
C PRO A 29 15.68 -7.14 13.46
N VAL A 30 14.96 -6.38 14.28
CA VAL A 30 14.17 -5.26 13.79
C VAL A 30 14.58 -4.03 14.59
N GLN A 31 14.94 -2.95 13.90
CA GLN A 31 15.39 -1.73 14.56
C GLN A 31 14.60 -0.49 14.17
N ASP A 32 14.48 0.42 15.13
CA ASP A 32 13.80 1.68 14.94
C ASP A 32 14.61 2.44 13.88
N PRO A 33 14.03 2.67 12.70
CA PRO A 33 14.76 3.37 11.64
C PRO A 33 15.28 4.79 11.98
N ALA A 34 14.77 5.38 13.06
CA ALA A 34 15.21 6.72 13.45
C ALA A 34 16.35 6.68 14.46
N SER A 35 16.15 5.96 15.57
CA SER A 35 17.14 5.87 16.64
C SER A 35 18.07 4.66 16.56
N GLY A 36 17.79 3.72 15.67
CA GLY A 36 18.63 2.53 15.54
C GLY A 36 18.48 1.53 16.66
N ALA A 37 17.57 1.81 17.60
CA ALA A 37 17.33 0.94 18.73
C ALA A 37 16.79 -0.45 18.35
N ALA A 38 17.18 -1.46 19.11
CA ALA A 38 16.72 -2.81 18.85
C ALA A 38 15.26 -2.89 19.30
N LEU A 39 14.37 -3.32 18.40
CA LEU A 39 12.95 -3.44 18.73
C LEU A 39 12.59 -4.85 19.15
N GLY A 40 13.24 -5.84 18.54
CA GLY A 40 12.94 -7.21 18.90
C GLY A 40 13.48 -8.22 17.91
N MET A 41 13.46 -9.48 18.33
CA MET A 41 13.92 -10.58 17.49
C MET A 41 12.68 -11.31 16.98
N VAL A 42 12.44 -11.21 15.67
CA VAL A 42 11.27 -11.84 15.06
C VAL A 42 11.59 -13.16 14.36
N ALA A 43 10.64 -14.09 14.40
CA ALA A 43 10.84 -15.39 13.78
C ALA A 43 11.12 -15.22 12.30
N ASP A 44 12.05 -16.01 11.78
CA ASP A 44 12.41 -15.94 10.37
C ASP A 44 11.93 -17.23 9.73
N CYS A 45 10.68 -17.25 9.30
CA CYS A 45 10.10 -18.44 8.69
C CYS A 45 10.77 -18.87 7.40
N GLY A 46 10.80 -20.19 7.18
CA GLY A 46 11.39 -20.74 5.98
C GLY A 46 10.31 -21.47 5.21
N VAL A 47 10.68 -22.07 4.08
CA VAL A 47 9.73 -22.80 3.26
C VAL A 47 8.89 -23.81 4.04
N ARG A 48 9.48 -24.45 5.03
CA ARG A 48 8.75 -25.43 5.83
C ARG A 48 7.62 -24.77 6.59
N GLU A 49 7.92 -23.67 7.29
CA GLU A 49 6.93 -22.96 8.06
C GLU A 49 5.85 -22.37 7.15
N ALA A 50 6.22 -22.06 5.92
CA ALA A 50 5.29 -21.49 4.96
C ALA A 50 4.32 -22.54 4.44
N ARG A 51 4.84 -23.71 4.09
CA ARG A 51 3.98 -24.77 3.58
C ARG A 51 3.01 -25.18 4.67
N ALA A 52 3.46 -25.12 5.93
CA ALA A 52 2.61 -25.49 7.05
C ALA A 52 1.55 -24.43 7.30
N ALA A 53 1.89 -23.16 7.06
CA ALA A 53 0.94 -22.08 7.25
C ALA A 53 -0.12 -22.18 6.17
N VAL A 54 0.28 -22.60 4.97
CA VAL A 54 -0.66 -22.76 3.87
C VAL A 54 -1.65 -23.88 4.21
N ARG A 55 -1.15 -25.05 4.61
CA ARG A 55 -2.02 -26.18 4.96
C ARG A 55 -3.00 -25.73 6.04
N ALA A 56 -2.51 -24.95 7.00
CA ALA A 56 -3.37 -24.46 8.08
C ALA A 56 -4.49 -23.60 7.52
N ALA A 57 -4.16 -22.75 6.55
CA ALA A 57 -5.14 -21.87 5.93
C ALA A 57 -6.13 -22.66 5.07
N TYR A 58 -5.63 -23.66 4.36
CA TYR A 58 -6.48 -24.48 3.51
C TYR A 58 -7.52 -25.25 4.33
N GLU A 59 -7.10 -25.77 5.47
CA GLU A 59 -8.03 -26.52 6.29
C GLU A 59 -9.05 -25.59 6.94
N ALA A 60 -8.61 -24.39 7.33
CA ALA A 60 -9.51 -23.42 7.93
C ALA A 60 -10.53 -22.97 6.88
N PHE A 61 -10.10 -22.90 5.63
CA PHE A 61 -10.96 -22.49 4.53
C PHE A 61 -12.17 -23.39 4.32
N CYS A 62 -11.96 -24.70 4.40
CA CYS A 62 -13.04 -25.65 4.21
C CYS A 62 -14.14 -25.52 5.24
N ARG A 63 -13.84 -24.83 6.35
CA ARG A 63 -14.82 -24.61 7.40
C ARG A 63 -15.32 -23.17 7.37
N TRP A 64 -14.39 -22.24 7.15
CA TRP A 64 -14.69 -20.82 7.10
C TRP A 64 -15.65 -20.46 5.95
N ARG A 65 -15.51 -21.13 4.82
CA ARG A 65 -16.35 -20.90 3.64
C ARG A 65 -17.80 -21.24 3.98
N GLU A 66 -17.97 -22.13 4.96
CA GLU A 66 -19.29 -22.59 5.40
C GLU A 66 -19.95 -21.66 6.42
N VAL A 67 -19.17 -20.83 7.08
CA VAL A 67 -19.72 -19.90 8.06
C VAL A 67 -20.60 -18.88 7.34
N SER A 68 -21.73 -18.54 7.96
CA SER A 68 -22.67 -17.59 7.36
C SER A 68 -21.97 -16.26 7.15
N ALA A 69 -22.40 -15.52 6.14
CA ALA A 69 -21.82 -14.22 5.86
C ALA A 69 -22.10 -13.26 7.01
N LYS A 70 -23.24 -13.41 7.68
CA LYS A 70 -23.54 -12.52 8.78
C LYS A 70 -22.58 -12.78 9.93
N GLU A 71 -22.12 -14.02 10.04
CA GLU A 71 -21.19 -14.38 11.11
C GLU A 71 -19.80 -13.89 10.80
N ARG A 72 -19.32 -14.12 9.57
CA ARG A 72 -17.99 -13.67 9.19
C ARG A 72 -17.95 -12.15 9.32
N SER A 73 -19.06 -11.52 8.98
CA SER A 73 -19.17 -10.06 9.04
C SER A 73 -19.03 -9.57 10.47
N SER A 74 -19.60 -10.32 11.40
CA SER A 74 -19.57 -9.97 12.81
C SER A 74 -18.15 -10.01 13.37
N LEU A 75 -17.42 -11.06 13.00
CA LEU A 75 -16.04 -11.24 13.44
C LEU A 75 -15.16 -10.14 12.83
N LEU A 76 -15.40 -9.83 11.56
CA LEU A 76 -14.61 -8.78 10.91
C LEU A 76 -14.83 -7.47 11.68
N ARG A 77 -16.03 -7.28 12.21
CA ARG A 77 -16.33 -6.06 12.95
C ARG A 77 -15.70 -6.05 14.34
N LYS A 78 -15.73 -7.18 15.04
CA LYS A 78 -15.14 -7.25 16.38
C LYS A 78 -13.66 -6.92 16.26
N TRP A 79 -13.05 -7.41 15.18
CA TRP A 79 -11.63 -7.20 14.91
C TRP A 79 -11.42 -5.69 14.73
N TYR A 80 -12.35 -5.04 14.03
CA TYR A 80 -12.28 -3.60 13.80
C TYR A 80 -12.36 -2.86 15.13
N ASN A 81 -13.32 -3.25 15.96
CA ASN A 81 -13.48 -2.61 17.26
C ASN A 81 -12.24 -2.77 18.10
N LEU A 82 -11.60 -3.93 18.00
CA LEU A 82 -10.38 -4.19 18.75
C LEU A 82 -9.26 -3.26 18.27
N MET A 83 -9.23 -2.99 16.97
CA MET A 83 -8.21 -2.11 16.42
C MET A 83 -8.41 -0.69 16.98
N ILE A 84 -9.64 -0.22 16.97
CA ILE A 84 -9.93 1.11 17.51
C ILE A 84 -9.59 1.16 19.00
N GLN A 85 -10.00 0.13 19.75
CA GLN A 85 -9.74 0.08 21.18
C GLN A 85 -8.24 0.22 21.48
N ASN A 86 -7.39 -0.33 20.61
CA ASN A 86 -5.94 -0.30 20.80
C ASN A 86 -5.20 0.65 19.85
N LYS A 87 -5.91 1.58 19.23
CA LYS A 87 -5.29 2.48 18.25
C LYS A 87 -4.02 3.18 18.68
N ASP A 88 -3.98 3.67 19.92
CA ASP A 88 -2.77 4.36 20.38
C ASP A 88 -1.54 3.45 20.34
N ASP A 89 -1.65 2.24 20.90
CA ASP A 89 -0.53 1.31 20.90
C ASP A 89 -0.21 0.82 19.49
N LEU A 90 -1.25 0.59 18.70
CA LEU A 90 -1.05 0.14 17.33
C LEU A 90 -0.32 1.20 16.54
N ALA A 91 -0.58 2.47 16.84
CA ALA A 91 0.08 3.57 16.13
C ALA A 91 1.55 3.67 16.53
N ARG A 92 1.84 3.49 17.81
CA ARG A 92 3.21 3.55 18.27
C ARG A 92 4.06 2.49 17.59
N ILE A 93 3.49 1.30 17.39
CA ILE A 93 4.21 0.21 16.74
C ILE A 93 4.58 0.61 15.31
N ILE A 94 3.67 1.28 14.61
CA ILE A 94 3.95 1.74 13.24
C ILE A 94 5.10 2.76 13.23
N THR A 95 5.04 3.73 14.13
CA THR A 95 6.08 4.76 14.22
C THR A 95 7.40 4.12 14.60
N ALA A 96 7.34 3.13 15.49
CA ALA A 96 8.53 2.43 15.94
C ALA A 96 9.28 1.73 14.81
N GLU A 97 8.55 0.99 13.96
CA GLU A 97 9.20 0.28 12.85
C GLU A 97 9.27 0.96 11.48
N SER A 98 8.30 1.80 11.15
CA SER A 98 8.31 2.48 9.85
C SER A 98 9.02 3.81 9.96
N GLY A 99 8.97 4.41 11.14
CA GLY A 99 9.63 5.69 11.36
C GLY A 99 8.76 6.91 11.08
N LYS A 100 7.60 6.70 10.47
CA LYS A 100 6.70 7.81 10.17
C LYS A 100 6.20 8.45 11.47
N PRO A 101 5.96 9.77 11.45
CA PRO A 101 5.49 10.49 12.63
C PRO A 101 4.20 9.91 13.23
N LEU A 102 4.09 9.97 14.55
CA LEU A 102 2.93 9.45 15.25
C LEU A 102 1.59 9.88 14.64
N LYS A 103 1.44 11.16 14.34
CA LYS A 103 0.19 11.65 13.77
C LYS A 103 -0.12 10.88 12.49
N GLU A 104 0.90 10.61 11.68
CA GLU A 104 0.68 9.85 10.46
C GLU A 104 0.35 8.40 10.79
N ALA A 105 0.98 7.87 11.83
CA ALA A 105 0.73 6.49 12.23
C ALA A 105 -0.71 6.35 12.73
N HIS A 106 -1.19 7.35 13.45
CA HIS A 106 -2.57 7.34 13.96
C HIS A 106 -3.51 7.37 12.76
N GLY A 107 -3.11 8.11 11.73
CA GLY A 107 -3.92 8.20 10.55
C GLY A 107 -3.98 6.85 9.85
N GLU A 108 -2.87 6.12 9.85
CA GLU A 108 -2.87 4.81 9.21
C GLU A 108 -3.71 3.81 9.99
N ILE A 109 -3.55 3.76 11.31
CA ILE A 109 -4.32 2.82 12.11
C ILE A 109 -5.83 2.96 11.92
N LEU A 110 -6.29 4.19 11.70
CA LEU A 110 -7.71 4.41 11.48
C LEU A 110 -8.07 3.86 10.12
N TYR A 111 -7.31 4.27 9.12
CA TYR A 111 -7.50 3.82 7.75
C TYR A 111 -7.49 2.30 7.71
N SER A 112 -6.54 1.70 8.41
CA SER A 112 -6.41 0.26 8.46
C SER A 112 -7.66 -0.34 9.12
N ALA A 113 -8.10 0.24 10.23
CA ALA A 113 -9.27 -0.24 10.92
C ALA A 113 -10.50 -0.10 10.02
N PHE A 114 -10.55 1.00 9.26
CA PHE A 114 -11.69 1.26 8.38
C PHE A 114 -11.83 0.22 7.26
N PHE A 115 -10.75 -0.43 6.87
CA PHE A 115 -10.86 -1.44 5.84
C PHE A 115 -11.58 -2.66 6.44
N LEU A 116 -11.23 -3.02 7.68
CA LEU A 116 -11.89 -4.13 8.33
C LEU A 116 -13.37 -3.80 8.50
N GLU A 117 -13.65 -2.57 8.92
CA GLU A 117 -15.03 -2.16 9.11
C GLU A 117 -15.79 -2.27 7.80
N TRP A 118 -15.23 -1.68 6.76
CA TRP A 118 -15.83 -1.66 5.44
C TRP A 118 -16.14 -3.03 4.84
N PHE A 119 -15.17 -3.94 4.82
CA PHE A 119 -15.44 -5.26 4.26
C PHE A 119 -16.39 -6.05 5.14
N SER A 120 -16.38 -5.71 6.43
CA SER A 120 -17.29 -6.36 7.34
C SER A 120 -18.67 -6.17 6.72
N GLU A 121 -18.93 -4.95 6.26
CA GLU A 121 -20.20 -4.57 5.64
C GLU A 121 -20.41 -5.20 4.26
N GLU A 122 -19.32 -5.54 3.57
CA GLU A 122 -19.42 -6.13 2.23
C GLU A 122 -19.74 -7.62 2.27
N ALA A 123 -19.36 -8.30 3.35
CA ALA A 123 -19.58 -9.75 3.48
C ALA A 123 -21.00 -10.22 3.24
N ARG A 124 -21.97 -9.46 3.73
CA ARG A 124 -23.36 -9.84 3.58
C ARG A 124 -23.96 -9.38 2.26
N ARG A 125 -23.15 -8.72 1.42
CA ARG A 125 -23.66 -8.20 0.16
C ARG A 125 -23.09 -8.81 -1.10
N VAL A 126 -22.72 -10.09 -1.07
CA VAL A 126 -22.21 -10.74 -2.27
C VAL A 126 -23.42 -11.32 -3.00
N TYR A 127 -23.88 -10.65 -4.05
CA TYR A 127 -25.06 -11.11 -4.76
C TYR A 127 -24.86 -11.89 -6.06
N GLY A 128 -25.60 -12.99 -6.21
CA GLY A 128 -25.53 -13.76 -7.43
C GLY A 128 -26.65 -13.22 -8.30
N ASP A 129 -26.79 -13.69 -9.53
CA ASP A 129 -27.86 -13.19 -10.38
C ASP A 129 -28.76 -14.26 -10.94
N ILE A 130 -29.90 -13.82 -11.44
CA ILE A 130 -30.89 -14.67 -12.08
C ILE A 130 -31.03 -14.02 -13.45
N ILE A 131 -30.60 -14.75 -14.48
CA ILE A 131 -30.63 -14.25 -15.86
C ILE A 131 -31.70 -14.90 -16.71
N HIS A 132 -32.26 -14.13 -17.64
CA HIS A 132 -33.27 -14.66 -18.52
C HIS A 132 -32.65 -15.16 -19.81
N THR A 133 -33.09 -16.33 -20.26
CA THR A 133 -32.59 -16.90 -21.51
C THR A 133 -33.79 -17.31 -22.38
N PRO A 134 -33.61 -17.38 -23.71
CA PRO A 134 -34.70 -17.76 -24.61
C PRO A 134 -35.43 -19.03 -24.18
N ALA A 135 -34.70 -20.14 -24.14
CA ALA A 135 -35.25 -21.44 -23.77
C ALA A 135 -36.21 -21.41 -22.56
N LYS A 136 -37.40 -21.97 -22.73
CA LYS A 136 -38.39 -21.98 -21.64
C LYS A 136 -38.21 -23.15 -20.69
N ASP A 137 -37.31 -24.06 -21.01
CA ASP A 137 -37.09 -25.25 -20.18
C ASP A 137 -35.97 -25.07 -19.18
N ARG A 138 -35.50 -23.84 -19.01
CA ARG A 138 -34.39 -23.62 -18.09
C ARG A 138 -34.31 -22.20 -17.49
N ARG A 139 -33.61 -22.10 -16.37
CA ARG A 139 -33.42 -20.84 -15.69
C ARG A 139 -31.91 -20.71 -15.45
N ALA A 140 -31.38 -19.51 -15.60
CA ALA A 140 -29.94 -19.31 -15.40
C ALA A 140 -29.67 -18.60 -14.08
N LEU A 141 -28.84 -19.23 -13.25
CA LEU A 141 -28.48 -18.64 -11.97
C LEU A 141 -26.97 -18.43 -11.97
N VAL A 142 -26.51 -17.35 -11.36
CA VAL A 142 -25.07 -17.13 -11.26
C VAL A 142 -24.73 -16.93 -9.79
N LEU A 143 -23.94 -17.86 -9.25
CA LEU A 143 -23.51 -17.82 -7.85
C LEU A 143 -22.12 -17.24 -7.79
N LYS A 144 -21.77 -16.70 -6.62
CA LYS A 144 -20.44 -16.15 -6.40
C LYS A 144 -19.91 -16.90 -5.18
N GLN A 145 -18.73 -17.48 -5.30
CA GLN A 145 -18.13 -18.24 -4.20
C GLN A 145 -16.66 -17.83 -3.97
N PRO A 146 -16.15 -18.02 -2.74
CA PRO A 146 -14.76 -17.64 -2.47
C PRO A 146 -13.76 -18.54 -3.20
N ILE A 147 -12.65 -17.95 -3.63
CA ILE A 147 -11.61 -18.68 -4.36
C ILE A 147 -10.91 -19.77 -3.57
N GLY A 148 -10.55 -19.48 -2.31
CA GLY A 148 -9.87 -20.46 -1.48
C GLY A 148 -8.83 -19.78 -0.62
N VAL A 149 -7.59 -20.28 -0.66
CA VAL A 149 -6.51 -19.70 0.12
C VAL A 149 -5.77 -18.63 -0.68
N ALA A 150 -5.51 -17.50 -0.04
CA ALA A 150 -4.82 -16.40 -0.70
C ALA A 150 -3.49 -16.04 -0.05
N ALA A 151 -2.45 -15.94 -0.85
CA ALA A 151 -1.14 -15.55 -0.34
C ALA A 151 -1.11 -14.03 -0.44
N VAL A 152 -0.90 -13.37 0.71
CA VAL A 152 -0.86 -11.91 0.77
C VAL A 152 0.55 -11.43 1.15
N ILE A 153 1.16 -10.64 0.26
CA ILE A 153 2.51 -10.12 0.48
C ILE A 153 2.46 -8.60 0.52
N THR A 154 2.87 -8.01 1.63
CA THR A 154 2.82 -6.56 1.81
C THR A 154 4.17 -5.84 2.02
N PRO A 155 4.26 -4.56 1.63
CA PRO A 155 5.45 -3.74 1.76
C PRO A 155 5.55 -3.15 3.16
N TRP A 156 6.56 -2.31 3.39
CA TRP A 156 6.76 -1.70 4.70
C TRP A 156 6.14 -0.30 4.89
N ASN A 157 5.83 0.39 3.80
CA ASN A 157 5.28 1.75 3.85
C ASN A 157 4.08 1.94 4.78
N PHE A 158 3.10 1.05 4.67
CA PHE A 158 1.92 1.10 5.54
C PHE A 158 1.78 -0.31 6.08
N PRO A 159 2.66 -0.68 7.02
CA PRO A 159 2.72 -1.99 7.68
C PRO A 159 1.42 -2.56 8.19
N SER A 160 0.39 -1.73 8.30
CA SER A 160 -0.91 -2.20 8.80
C SER A 160 -2.03 -2.10 7.76
N ALA A 161 -2.25 -0.89 7.24
CA ALA A 161 -3.29 -0.66 6.24
C ALA A 161 -3.16 -1.53 4.98
N MET A 162 -1.92 -1.77 4.52
CA MET A 162 -1.70 -2.58 3.32
C MET A 162 -2.13 -4.02 3.51
N ILE A 163 -2.06 -4.51 4.75
CA ILE A 163 -2.45 -5.88 5.04
C ILE A 163 -3.97 -5.94 5.16
N THR A 164 -4.48 -5.08 6.02
CA THR A 164 -5.88 -4.97 6.30
C THR A 164 -6.81 -4.78 5.09
N ARG A 165 -6.37 -4.02 4.09
CA ARG A 165 -7.21 -3.78 2.91
C ARG A 165 -7.32 -5.02 2.02
N LYS A 166 -6.39 -5.96 2.17
CA LYS A 166 -6.42 -7.18 1.37
C LYS A 166 -7.11 -8.31 2.13
N VAL A 167 -6.73 -8.46 3.39
CA VAL A 167 -7.29 -9.48 4.29
C VAL A 167 -8.76 -9.20 4.58
N GLY A 168 -9.12 -7.93 4.68
CA GLY A 168 -10.51 -7.59 4.92
C GLY A 168 -11.34 -8.19 3.81
N ALA A 169 -11.00 -7.83 2.58
CA ALA A 169 -11.71 -8.34 1.42
C ALA A 169 -11.72 -9.86 1.37
N ALA A 170 -10.55 -10.47 1.49
CA ALA A 170 -10.43 -11.92 1.45
C ALA A 170 -11.37 -12.63 2.42
N LEU A 171 -11.35 -12.24 3.71
CA LEU A 171 -12.21 -12.90 4.68
C LEU A 171 -13.68 -12.61 4.40
N ALA A 172 -13.99 -11.36 4.07
CA ALA A 172 -15.37 -10.99 3.76
C ALA A 172 -15.92 -11.89 2.64
N ALA A 173 -15.05 -12.26 1.68
CA ALA A 173 -15.47 -13.11 0.57
C ALA A 173 -15.59 -14.57 0.99
N GLY A 174 -14.97 -14.93 2.11
CA GLY A 174 -15.01 -16.30 2.58
C GLY A 174 -13.71 -17.06 2.40
N CYS A 175 -12.64 -16.36 2.00
CA CYS A 175 -11.32 -16.97 1.81
C CYS A 175 -10.52 -16.86 3.09
N THR A 176 -9.40 -17.59 3.16
CA THR A 176 -8.48 -17.53 4.29
C THR A 176 -7.18 -16.99 3.70
N VAL A 177 -6.28 -16.49 4.56
CA VAL A 177 -5.03 -15.92 4.05
C VAL A 177 -3.76 -16.28 4.81
N VAL A 178 -2.64 -16.22 4.10
CA VAL A 178 -1.32 -16.46 4.67
C VAL A 178 -0.56 -15.19 4.33
N VAL A 179 -0.33 -14.35 5.33
CA VAL A 179 0.38 -13.09 5.15
C VAL A 179 1.88 -13.18 5.39
N LYS A 180 2.65 -12.61 4.46
CA LYS A 180 4.10 -12.59 4.56
C LYS A 180 4.42 -11.10 4.59
N PRO A 181 4.58 -10.54 5.79
CA PRO A 181 4.88 -9.11 5.95
C PRO A 181 6.31 -8.71 5.63
N ALA A 182 6.50 -7.42 5.36
CA ALA A 182 7.82 -6.89 5.04
C ALA A 182 8.70 -7.06 6.27
N GLU A 183 9.97 -7.38 6.05
CA GLU A 183 10.90 -7.62 7.14
C GLU A 183 11.29 -6.36 7.92
N ASP A 184 11.08 -5.19 7.31
CA ASP A 184 11.40 -3.93 7.97
C ASP A 184 10.30 -3.60 8.98
N THR A 185 9.11 -4.11 8.73
CA THR A 185 7.96 -3.83 9.58
C THR A 185 7.05 -5.04 9.77
N PRO A 186 7.51 -6.05 10.53
CA PRO A 186 6.68 -7.24 10.74
C PRO A 186 5.68 -7.09 11.89
N PHE A 187 6.05 -6.31 12.89
CA PHE A 187 5.22 -6.12 14.07
C PHE A 187 3.75 -5.78 13.84
N SER A 188 3.48 -4.77 13.03
CA SER A 188 2.10 -4.37 12.76
C SER A 188 1.24 -5.55 12.29
N ALA A 189 1.85 -6.48 11.57
CA ALA A 189 1.15 -7.65 11.06
C ALA A 189 0.81 -8.67 12.15
N LEU A 190 1.66 -8.74 13.18
CA LEU A 190 1.46 -9.66 14.29
C LEU A 190 0.54 -9.07 15.35
N ALA A 191 0.55 -7.73 15.45
CA ALA A 191 -0.33 -7.06 16.39
C ALA A 191 -1.75 -7.34 15.91
N LEU A 192 -1.94 -7.27 14.59
CA LEU A 192 -3.23 -7.57 14.02
C LEU A 192 -3.62 -8.99 14.41
N ALA A 193 -2.70 -9.93 14.23
CA ALA A 193 -2.91 -11.34 14.57
C ALA A 193 -3.41 -11.53 16.00
N GLU A 194 -2.79 -10.83 16.95
CA GLU A 194 -3.19 -10.92 18.34
C GLU A 194 -4.65 -10.50 18.44
N LEU A 195 -4.97 -9.36 17.83
CA LEU A 195 -6.33 -8.86 17.85
C LEU A 195 -7.31 -9.78 17.12
N ALA A 196 -6.82 -10.51 16.11
CA ALA A 196 -7.68 -11.43 15.38
C ALA A 196 -8.06 -12.63 16.24
N SER A 197 -7.20 -12.98 17.20
CA SER A 197 -7.52 -14.10 18.08
C SER A 197 -8.41 -13.62 19.22
N GLN A 198 -8.27 -12.34 19.56
CA GLN A 198 -9.12 -11.75 20.60
C GLN A 198 -10.53 -11.62 20.04
N ALA A 199 -10.63 -11.28 18.76
CA ALA A 199 -11.92 -11.10 18.08
C ALA A 199 -12.64 -12.42 17.92
N GLY A 200 -11.87 -13.51 17.87
CA GLY A 200 -12.45 -14.82 17.70
C GLY A 200 -12.34 -15.37 16.29
N ILE A 201 -11.45 -14.79 15.49
CA ILE A 201 -11.28 -15.28 14.11
C ILE A 201 -10.81 -16.72 14.28
N PRO A 202 -11.49 -17.68 13.63
CA PRO A 202 -11.12 -19.09 13.73
C PRO A 202 -9.67 -19.36 13.34
N SER A 203 -9.07 -20.32 14.01
CA SER A 203 -7.67 -20.68 13.75
C SER A 203 -7.44 -21.04 12.28
N GLY A 204 -6.35 -20.52 11.72
CA GLY A 204 -6.02 -20.81 10.34
C GLY A 204 -6.63 -19.87 9.31
N VAL A 205 -7.55 -19.01 9.74
CA VAL A 205 -8.18 -18.05 8.82
C VAL A 205 -7.23 -16.88 8.51
N TYR A 206 -6.48 -16.44 9.51
CA TYR A 206 -5.51 -15.36 9.36
C TYR A 206 -4.15 -15.87 9.86
N ASN A 207 -3.19 -15.97 8.95
CA ASN A 207 -1.85 -16.45 9.30
C ASN A 207 -0.78 -15.46 8.87
N VAL A 208 0.25 -15.31 9.72
CA VAL A 208 1.35 -14.41 9.43
C VAL A 208 2.68 -15.16 9.54
N ILE A 209 3.50 -15.09 8.49
CA ILE A 209 4.81 -15.76 8.50
C ILE A 209 5.95 -14.78 8.20
N PRO A 210 6.46 -14.09 9.24
CA PRO A 210 7.56 -13.13 9.03
C PRO A 210 8.82 -13.84 8.54
N CYS A 211 9.61 -13.15 7.72
CA CYS A 211 10.87 -13.71 7.24
C CYS A 211 11.72 -12.58 6.69
N SER A 212 13.05 -12.76 6.75
CA SER A 212 13.99 -11.75 6.29
C SER A 212 14.39 -11.92 4.83
N ARG A 213 15.31 -11.08 4.37
CA ARG A 213 15.78 -11.11 2.99
C ARG A 213 16.20 -12.50 2.55
N LYS A 214 16.92 -13.19 3.43
CA LYS A 214 17.38 -14.52 3.11
C LYS A 214 16.23 -15.40 2.64
N ASN A 215 15.25 -15.61 3.52
CA ASN A 215 14.11 -16.46 3.22
C ASN A 215 13.04 -15.86 2.33
N ALA A 216 13.10 -14.55 2.11
CA ALA A 216 12.11 -13.87 1.27
C ALA A 216 11.93 -14.55 -0.08
N LYS A 217 13.04 -14.82 -0.76
CA LYS A 217 13.01 -15.47 -2.07
C LYS A 217 12.31 -16.82 -1.97
N GLU A 218 12.83 -17.68 -1.10
CA GLU A 218 12.28 -19.03 -0.88
C GLU A 218 10.82 -19.04 -0.47
N VAL A 219 10.49 -18.33 0.60
CA VAL A 219 9.13 -18.29 1.10
C VAL A 219 8.18 -17.69 0.08
N GLY A 220 8.64 -16.63 -0.58
CA GLY A 220 7.81 -15.99 -1.58
C GLY A 220 7.39 -17.00 -2.64
N GLU A 221 8.35 -17.76 -3.16
CA GLU A 221 8.03 -18.73 -4.18
C GLU A 221 7.28 -19.93 -3.61
N ALA A 222 7.53 -20.24 -2.34
CA ALA A 222 6.84 -21.37 -1.70
C ALA A 222 5.33 -21.14 -1.66
N ILE A 223 4.90 -19.99 -1.17
CA ILE A 223 3.48 -19.68 -1.05
C ILE A 223 2.78 -19.22 -2.34
N CYS A 224 3.55 -18.79 -3.33
CA CYS A 224 2.98 -18.37 -4.60
C CYS A 224 3.00 -19.55 -5.57
N THR A 225 3.48 -20.68 -5.08
CA THR A 225 3.59 -21.88 -5.89
C THR A 225 2.73 -23.01 -5.37
N ASP A 226 2.61 -23.07 -4.05
CA ASP A 226 1.84 -24.12 -3.40
C ASP A 226 0.50 -24.36 -4.07
N PRO A 227 0.20 -25.61 -4.42
CA PRO A 227 -1.08 -25.92 -5.07
C PRO A 227 -2.31 -25.70 -4.20
N LEU A 228 -2.13 -25.53 -2.90
CA LEU A 228 -3.27 -25.27 -2.02
C LEU A 228 -3.63 -23.78 -2.02
N VAL A 229 -2.76 -22.96 -2.60
CA VAL A 229 -2.99 -21.52 -2.69
C VAL A 229 -3.62 -21.23 -4.05
N SER A 230 -4.72 -20.48 -4.07
CA SER A 230 -5.41 -20.19 -5.31
C SER A 230 -5.39 -18.72 -5.73
N LYS A 231 -4.89 -17.86 -4.85
CA LYS A 231 -4.87 -16.42 -5.11
C LYS A 231 -3.63 -15.76 -4.51
N ILE A 232 -3.12 -14.75 -5.18
CA ILE A 232 -1.95 -14.01 -4.73
C ILE A 232 -2.25 -12.50 -4.74
N SER A 233 -1.96 -11.82 -3.63
CA SER A 233 -2.16 -10.38 -3.55
C SER A 233 -0.83 -9.83 -3.11
N PHE A 234 -0.22 -9.01 -3.97
CA PHE A 234 1.09 -8.43 -3.69
C PHE A 234 1.14 -6.94 -3.94
N THR A 235 1.86 -6.23 -3.06
CA THR A 235 2.06 -4.80 -3.22
C THR A 235 3.55 -4.58 -2.98
N GLY A 236 4.24 -4.00 -3.95
CA GLY A 236 5.66 -3.76 -3.82
C GLY A 236 6.33 -3.34 -5.11
N SER A 237 7.57 -3.79 -5.31
CA SER A 237 8.32 -3.42 -6.51
C SER A 237 7.90 -4.22 -7.72
N THR A 238 8.11 -3.64 -8.89
CA THR A 238 7.76 -4.26 -10.16
C THR A 238 8.63 -5.50 -10.38
N THR A 239 9.87 -5.43 -9.92
CA THR A 239 10.81 -6.53 -10.09
C THR A 239 10.34 -7.77 -9.35
N THR A 240 9.81 -7.60 -8.14
CA THR A 240 9.34 -8.75 -7.39
C THR A 240 8.02 -9.19 -7.99
N GLY A 241 7.18 -8.21 -8.31
CA GLY A 241 5.88 -8.51 -8.88
C GLY A 241 5.95 -9.42 -10.10
N LYS A 242 6.92 -9.17 -10.97
CA LYS A 242 7.05 -9.99 -12.17
C LYS A 242 7.56 -11.38 -11.83
N ILE A 243 8.31 -11.51 -10.74
CA ILE A 243 8.81 -12.81 -10.34
C ILE A 243 7.65 -13.65 -9.79
N LEU A 244 6.76 -12.99 -9.06
CA LEU A 244 5.61 -13.67 -8.50
C LEU A 244 4.65 -14.03 -9.62
N LEU A 245 4.54 -13.15 -10.62
CA LEU A 245 3.66 -13.41 -11.75
C LEU A 245 4.10 -14.65 -12.52
N HIS A 246 5.39 -14.97 -12.46
CA HIS A 246 5.87 -16.17 -13.13
C HIS A 246 5.54 -17.37 -12.25
N HIS A 247 5.71 -17.20 -10.95
CA HIS A 247 5.40 -18.29 -10.05
C HIS A 247 3.93 -18.66 -10.20
N ALA A 248 3.08 -17.63 -10.26
CA ALA A 248 1.65 -17.83 -10.41
C ALA A 248 1.33 -18.53 -11.73
N ALA A 249 1.99 -18.10 -12.80
CA ALA A 249 1.76 -18.66 -14.12
C ALA A 249 1.77 -20.19 -14.16
N ASN A 250 2.64 -20.82 -13.38
CA ASN A 250 2.74 -22.28 -13.38
C ASN A 250 1.52 -23.06 -12.91
N SER A 251 0.62 -22.40 -12.19
CA SER A 251 -0.59 -23.08 -11.71
C SER A 251 -1.85 -22.23 -11.95
N VAL A 252 -1.74 -21.28 -12.87
CA VAL A 252 -2.85 -20.41 -13.24
C VAL A 252 -3.58 -19.79 -12.04
N LYS A 253 -2.82 -19.24 -11.11
CA LYS A 253 -3.37 -18.62 -9.90
C LYS A 253 -3.92 -17.25 -10.18
N ARG A 254 -5.03 -16.90 -9.52
CA ARG A 254 -5.64 -15.58 -9.66
C ARG A 254 -4.67 -14.59 -9.00
N VAL A 255 -4.45 -13.46 -9.63
CA VAL A 255 -3.51 -12.49 -9.09
C VAL A 255 -4.00 -11.05 -9.10
N SER A 256 -3.60 -10.29 -8.09
CA SER A 256 -3.93 -8.88 -8.02
C SER A 256 -2.72 -8.23 -7.35
N MET A 257 -2.23 -7.13 -7.89
CA MET A 257 -1.08 -6.48 -7.30
C MET A 257 -0.93 -5.00 -7.66
N GLU A 258 -0.18 -4.29 -6.82
CA GLU A 258 0.06 -2.87 -7.00
C GLU A 258 1.58 -2.71 -7.03
N LEU A 259 2.10 -2.12 -8.11
CA LEU A 259 3.55 -1.95 -8.26
C LEU A 259 4.03 -0.49 -8.30
N GLY A 260 4.99 -0.18 -7.44
CA GLY A 260 5.53 1.16 -7.32
C GLY A 260 5.79 1.92 -8.62
N GLY A 261 5.03 3.00 -8.83
CA GLY A 261 5.18 3.81 -10.03
C GLY A 261 5.43 5.29 -9.75
N LEU A 262 5.60 6.05 -10.83
CA LEU A 262 5.84 7.49 -10.71
C LEU A 262 4.51 8.20 -10.78
N ALA A 263 4.27 9.13 -9.86
CA ALA A 263 3.01 9.85 -9.85
C ALA A 263 3.20 11.31 -10.26
N PRO A 264 2.62 11.71 -11.39
CA PRO A 264 2.75 13.09 -11.85
C PRO A 264 1.82 14.01 -11.06
N PHE A 265 2.28 15.24 -10.80
CA PHE A 265 1.48 16.22 -10.07
C PHE A 265 1.47 17.50 -10.91
N ILE A 266 0.50 17.62 -11.80
CA ILE A 266 0.42 18.78 -12.68
C ILE A 266 -0.30 20.02 -12.15
N VAL A 267 0.39 21.16 -12.19
CA VAL A 267 -0.19 22.43 -11.74
C VAL A 267 -0.40 23.32 -12.96
N PHE A 268 -1.66 23.60 -13.28
CA PHE A 268 -1.99 24.45 -14.44
C PHE A 268 -2.12 25.94 -14.05
N ASP A 269 -2.01 26.81 -15.03
CA ASP A 269 -2.09 28.25 -14.81
C ASP A 269 -3.30 28.72 -14.01
N SER A 270 -4.46 28.14 -14.30
CA SER A 270 -5.71 28.50 -13.63
C SER A 270 -5.85 27.92 -12.23
N ALA A 271 -4.79 27.33 -11.71
CA ALA A 271 -4.84 26.74 -10.37
C ALA A 271 -4.68 27.74 -9.25
N ASN A 272 -5.24 27.41 -8.10
CA ASN A 272 -5.13 28.24 -6.91
C ASN A 272 -3.76 27.90 -6.33
N VAL A 273 -2.80 28.82 -6.41
CA VAL A 273 -1.45 28.56 -5.92
C VAL A 273 -1.38 27.92 -4.54
N ASP A 274 -1.88 28.62 -3.53
CA ASP A 274 -1.83 28.11 -2.17
C ASP A 274 -2.36 26.68 -2.09
N GLN A 275 -3.52 26.45 -2.71
CA GLN A 275 -4.12 25.13 -2.71
C GLN A 275 -3.23 24.10 -3.37
N ALA A 276 -2.63 24.48 -4.51
CA ALA A 276 -1.72 23.58 -5.22
C ALA A 276 -0.56 23.25 -4.29
N VAL A 277 0.02 24.28 -3.68
CA VAL A 277 1.13 24.10 -2.76
C VAL A 277 0.71 23.19 -1.60
N ALA A 278 -0.40 23.52 -0.96
CA ALA A 278 -0.89 22.69 0.15
C ALA A 278 -1.03 21.25 -0.32
N GLY A 279 -1.56 21.09 -1.52
CA GLY A 279 -1.74 19.76 -2.10
C GLY A 279 -0.41 19.09 -2.40
N ALA A 280 0.54 19.87 -2.89
CA ALA A 280 1.87 19.37 -3.21
C ALA A 280 2.61 18.95 -1.92
N MET A 281 2.36 19.70 -0.85
CA MET A 281 2.98 19.41 0.45
C MET A 281 2.55 18.05 0.97
N ALA A 282 1.23 17.81 0.97
CA ALA A 282 0.68 16.55 1.46
C ALA A 282 1.00 15.35 0.58
N SER A 283 0.90 15.52 -0.74
CA SER A 283 1.17 14.42 -1.65
C SER A 283 2.63 14.02 -1.79
N LYS A 284 3.55 14.88 -1.35
CA LYS A 284 4.97 14.56 -1.46
C LYS A 284 5.70 14.27 -0.18
N PHE A 285 5.26 14.85 0.93
CA PHE A 285 5.95 14.62 2.18
C PHE A 285 5.23 13.74 3.20
N ARG A 286 4.08 13.17 2.83
CA ARG A 286 3.35 12.28 3.75
C ARG A 286 4.15 10.99 3.78
N ASN A 287 4.73 10.67 4.94
CA ASN A 287 5.55 9.47 5.14
C ASN A 287 6.94 9.73 4.54
N THR A 288 7.31 11.01 4.53
CA THR A 288 8.60 11.50 4.02
C THR A 288 8.84 11.12 2.56
N GLY A 289 7.75 11.13 1.77
CA GLY A 289 7.83 10.81 0.36
C GLY A 289 8.02 9.35 0.04
N GLN A 290 7.84 8.49 1.04
CA GLN A 290 8.01 7.06 0.87
C GLN A 290 6.70 6.28 0.67
N THR A 291 6.10 6.42 -0.51
CA THR A 291 4.85 5.72 -0.88
C THR A 291 4.79 5.65 -2.41
N ALA A 292 4.08 4.64 -2.93
CA ALA A 292 3.94 4.48 -4.38
C ALA A 292 3.08 5.59 -4.98
N VAL A 293 2.16 6.13 -4.19
CA VAL A 293 1.26 7.18 -4.63
C VAL A 293 1.81 8.58 -4.30
N CYS A 294 3.10 8.66 -4.02
CA CYS A 294 3.76 9.93 -3.70
C CYS A 294 4.26 10.62 -4.95
N SER A 295 3.68 11.79 -5.23
CA SER A 295 4.05 12.56 -6.40
C SER A 295 5.56 12.82 -6.48
N ASN A 296 6.22 12.17 -7.43
CA ASN A 296 7.67 12.34 -7.61
C ASN A 296 7.97 13.54 -8.52
N GLN A 297 7.34 13.60 -9.70
CA GLN A 297 7.58 14.70 -10.62
C GLN A 297 6.45 15.73 -10.66
N PHE A 298 6.83 17.00 -10.62
CA PHE A 298 5.86 18.09 -10.65
C PHE A 298 5.91 18.83 -11.98
N LEU A 299 4.85 18.72 -12.76
CA LEU A 299 4.77 19.41 -14.05
C LEU A 299 4.04 20.72 -13.79
N VAL A 300 4.76 21.84 -13.82
CA VAL A 300 4.14 23.13 -13.57
C VAL A 300 4.18 24.04 -14.80
N GLN A 301 3.04 24.66 -15.09
CA GLN A 301 2.89 25.53 -16.26
C GLN A 301 3.61 26.88 -16.14
N ARG A 302 4.25 27.28 -17.24
CA ARG A 302 5.00 28.54 -17.31
C ARG A 302 4.40 29.71 -16.53
N GLY A 303 3.18 30.08 -16.89
CA GLY A 303 2.55 31.20 -16.23
C GLY A 303 2.68 31.22 -14.71
N ILE A 304 2.19 30.16 -14.07
CA ILE A 304 2.19 30.06 -12.61
C ILE A 304 3.44 29.42 -11.99
N HIS A 305 4.31 28.87 -12.84
CA HIS A 305 5.54 28.20 -12.39
C HIS A 305 6.24 28.90 -11.21
N ASP A 306 6.93 30.00 -11.51
CA ASP A 306 7.67 30.76 -10.49
C ASP A 306 6.92 30.99 -9.19
N ALA A 307 5.73 31.58 -9.27
CA ALA A 307 4.93 31.84 -8.08
C ALA A 307 4.79 30.57 -7.24
N PHE A 308 4.63 29.44 -7.92
CA PHE A 308 4.47 28.14 -7.27
C PHE A 308 5.75 27.63 -6.62
N VAL A 309 6.82 27.56 -7.40
CA VAL A 309 8.10 27.08 -6.88
C VAL A 309 8.55 27.86 -5.64
N LYS A 310 8.26 29.14 -5.62
CA LYS A 310 8.64 29.97 -4.48
C LYS A 310 7.76 29.67 -3.26
N ALA A 311 6.45 29.69 -3.46
CA ALA A 311 5.50 29.42 -2.38
C ALA A 311 5.62 28.00 -1.82
N PHE A 312 6.05 27.07 -2.68
CA PHE A 312 6.23 25.68 -2.29
C PHE A 312 7.37 25.61 -1.28
N ALA A 313 8.53 26.13 -1.67
CA ALA A 313 9.72 26.15 -0.82
C ALA A 313 9.45 26.85 0.51
N GLU A 314 8.72 27.96 0.46
CA GLU A 314 8.42 28.69 1.68
C GLU A 314 7.55 27.85 2.62
N ALA A 315 6.78 26.91 2.05
CA ALA A 315 5.92 26.04 2.84
C ALA A 315 6.72 24.90 3.44
N MET A 316 7.78 24.49 2.73
CA MET A 316 8.65 23.42 3.19
C MET A 316 9.44 23.84 4.42
N LYS A 317 9.94 25.07 4.41
CA LYS A 317 10.70 25.60 5.55
C LYS A 317 9.78 25.82 6.76
N LYS A 318 8.58 26.29 6.50
CA LYS A 318 7.60 26.56 7.54
C LYS A 318 6.95 25.34 8.19
N ASN A 319 6.77 24.26 7.45
CA ASN A 319 6.09 23.09 8.02
C ASN A 319 6.85 21.78 8.21
N LEU A 320 7.97 21.60 7.52
CA LEU A 320 8.70 20.36 7.67
C LEU A 320 9.76 20.41 8.76
N ARG A 321 9.56 19.59 9.78
CA ARG A 321 10.48 19.50 10.91
C ARG A 321 11.05 18.08 10.97
N VAL A 322 12.26 17.89 10.46
CA VAL A 322 12.89 16.58 10.46
C VAL A 322 13.21 16.14 11.89
N GLY A 323 13.11 14.84 12.16
CA GLY A 323 13.39 14.34 13.50
C GLY A 323 12.74 13.01 13.83
N ASN A 324 12.76 12.63 15.10
CA ASN A 324 12.17 11.37 15.54
C ASN A 324 10.64 11.42 15.58
N GLY A 325 10.00 10.47 14.89
CA GLY A 325 8.55 10.43 14.82
C GLY A 325 7.75 10.47 16.12
N PHE A 326 8.36 10.05 17.23
CA PHE A 326 7.67 10.06 18.52
C PHE A 326 7.69 11.43 19.18
N GLU A 327 8.59 12.29 18.74
CA GLU A 327 8.70 13.61 19.34
C GLU A 327 7.76 14.64 18.74
N GLU A 328 7.12 15.38 19.63
CA GLU A 328 6.17 16.42 19.24
C GLU A 328 6.72 17.40 18.22
N GLY A 329 5.95 17.62 17.16
CA GLY A 329 6.37 18.56 16.14
C GLY A 329 7.09 17.96 14.95
N THR A 330 7.46 16.69 15.02
CA THR A 330 8.13 16.07 13.91
C THR A 330 7.16 15.93 12.76
N THR A 331 7.64 16.22 11.55
CA THR A 331 6.84 16.18 10.34
C THR A 331 7.49 15.31 9.28
N GLN A 332 8.79 15.14 9.38
CA GLN A 332 9.56 14.30 8.47
C GLN A 332 10.30 13.27 9.30
N GLY A 333 10.10 12.00 8.99
CA GLY A 333 10.78 10.96 9.72
C GLY A 333 11.99 10.49 8.94
N PRO A 334 12.65 9.42 9.38
CA PRO A 334 13.82 8.92 8.66
C PRO A 334 13.45 8.13 7.41
N LEU A 335 14.45 7.83 6.60
CA LEU A 335 14.24 6.99 5.40
C LEU A 335 14.41 5.59 5.98
N ILE A 336 13.65 4.63 5.46
CA ILE A 336 13.69 3.26 5.96
C ILE A 336 15.08 2.65 6.18
N ASN A 337 16.05 2.97 5.32
CA ASN A 337 17.40 2.45 5.48
C ASN A 337 18.45 3.16 4.61
N GLU A 338 19.71 2.76 4.76
CA GLU A 338 20.82 3.37 4.03
C GLU A 338 20.68 3.30 2.51
N LYS A 339 20.34 2.13 1.98
CA LYS A 339 20.19 1.95 0.54
C LYS A 339 19.23 3.02 0.01
N ALA A 340 18.22 3.36 0.81
CA ALA A 340 17.24 4.38 0.44
C ALA A 340 17.88 5.76 0.31
N VAL A 341 18.64 6.16 1.33
CA VAL A 341 19.32 7.47 1.33
C VAL A 341 20.21 7.59 0.10
N GLU A 342 20.94 6.52 -0.20
CA GLU A 342 21.82 6.50 -1.35
C GLU A 342 21.10 6.74 -2.67
N LYS A 343 19.86 6.25 -2.78
CA LYS A 343 19.08 6.43 -3.99
C LYS A 343 18.59 7.87 -4.15
N VAL A 344 18.30 8.53 -3.02
CA VAL A 344 17.87 9.91 -3.05
C VAL A 344 19.04 10.77 -3.48
N GLU A 345 20.21 10.51 -2.87
CA GLU A 345 21.44 11.22 -3.20
C GLU A 345 21.69 11.06 -4.69
N LYS A 346 21.64 9.81 -5.14
CA LYS A 346 21.84 9.48 -6.54
C LYS A 346 20.99 10.40 -7.42
N GLN A 347 19.69 10.40 -7.16
CA GLN A 347 18.76 11.24 -7.93
C GLN A 347 19.09 12.73 -7.87
N VAL A 348 19.34 13.25 -6.67
CA VAL A 348 19.66 14.68 -6.53
C VAL A 348 20.90 15.09 -7.32
N ASN A 349 21.99 14.35 -7.13
CA ASN A 349 23.24 14.65 -7.82
C ASN A 349 23.08 14.49 -9.33
N ASP A 350 22.56 13.35 -9.77
CA ASP A 350 22.33 13.09 -11.19
C ASP A 350 21.59 14.23 -11.87
N ALA A 351 20.67 14.84 -11.14
CA ALA A 351 19.87 15.94 -11.66
C ALA A 351 20.60 17.29 -11.67
N VAL A 352 21.28 17.63 -10.58
CA VAL A 352 22.00 18.90 -10.52
C VAL A 352 23.15 18.94 -11.53
N SER A 353 23.90 17.85 -11.60
CA SER A 353 25.04 17.74 -12.51
C SER A 353 24.58 17.61 -13.96
N LYS A 354 23.26 17.55 -14.17
CA LYS A 354 22.74 17.41 -15.51
C LYS A 354 21.90 18.62 -15.91
N GLY A 355 21.89 19.65 -15.05
CA GLY A 355 21.12 20.85 -15.34
C GLY A 355 20.28 21.41 -14.21
N ALA A 356 19.64 20.54 -13.43
CA ALA A 356 18.78 20.95 -12.32
C ALA A 356 19.37 21.98 -11.35
N THR A 357 18.49 22.73 -10.70
CA THR A 357 18.88 23.78 -9.76
C THR A 357 18.24 23.60 -8.39
N VAL A 358 19.01 23.11 -7.42
CA VAL A 358 18.51 22.90 -6.07
C VAL A 358 18.01 24.20 -5.40
N VAL A 359 16.72 24.22 -5.09
CA VAL A 359 16.05 25.36 -4.46
C VAL A 359 16.11 25.34 -2.93
N THR A 360 16.29 24.17 -2.35
CA THR A 360 16.38 24.04 -0.90
C THR A 360 16.78 22.63 -0.44
N GLY A 361 17.62 22.59 0.60
CA GLY A 361 18.10 21.33 1.16
C GLY A 361 18.29 20.21 0.17
N GLY A 362 19.54 19.91 -0.21
CA GLY A 362 19.79 18.84 -1.16
C GLY A 362 20.87 17.87 -0.73
N LYS A 363 21.14 17.83 0.57
CA LYS A 363 22.16 16.95 1.13
C LYS A 363 21.56 16.16 2.29
N ARG A 364 22.32 15.26 2.89
CA ARG A 364 21.80 14.50 4.03
C ARG A 364 21.50 15.49 5.15
N HIS A 365 20.58 15.14 6.03
CA HIS A 365 20.23 16.04 7.13
C HIS A 365 21.32 16.01 8.17
N GLN A 366 21.39 17.06 8.98
CA GLN A 366 22.45 17.14 9.98
C GLN A 366 22.27 16.22 11.20
N LEU A 367 21.22 15.42 11.21
CA LEU A 367 21.01 14.47 12.32
C LEU A 367 21.72 13.17 11.94
N GLY A 368 22.16 13.09 10.69
CA GLY A 368 22.86 11.92 10.20
C GLY A 368 21.94 10.73 10.01
N LYS A 369 22.48 9.54 10.26
CA LYS A 369 21.74 8.29 10.12
C LYS A 369 20.94 8.24 8.83
N ASN A 370 19.63 8.03 8.90
CA ASN A 370 18.85 7.95 7.68
C ASN A 370 18.01 9.18 7.35
N PHE A 371 18.27 10.30 8.03
CA PHE A 371 17.50 11.52 7.76
C PHE A 371 18.07 12.24 6.55
N PHE A 372 17.19 12.79 5.71
CA PHE A 372 17.60 13.53 4.52
C PHE A 372 16.82 14.85 4.49
N GLU A 373 17.44 15.93 4.06
CA GLU A 373 16.75 17.22 4.02
C GLU A 373 15.70 17.30 2.93
N PRO A 374 14.52 17.86 3.26
CA PRO A 374 13.45 17.97 2.26
C PRO A 374 14.05 18.78 1.10
N THR A 375 14.09 18.17 -0.09
CA THR A 375 14.67 18.81 -1.26
C THR A 375 13.68 19.25 -2.32
N LEU A 376 13.98 20.37 -2.97
CA LEU A 376 13.14 20.91 -4.03
C LEU A 376 14.04 21.47 -5.12
N LEU A 377 14.14 20.76 -6.25
CA LEU A 377 14.97 21.19 -7.37
C LEU A 377 14.06 21.66 -8.49
N CYS A 378 14.38 22.79 -9.12
CA CYS A 378 13.59 23.25 -10.25
C CYS A 378 14.47 23.14 -11.50
N ASN A 379 13.95 23.53 -12.65
CA ASN A 379 14.71 23.42 -13.90
C ASN A 379 15.01 21.96 -14.22
N VAL A 380 14.26 21.06 -13.61
CA VAL A 380 14.45 19.62 -13.84
C VAL A 380 13.89 19.28 -15.21
N THR A 381 14.42 18.21 -15.81
CA THR A 381 13.95 17.77 -17.12
C THR A 381 13.60 16.29 -17.09
N GLN A 382 12.67 15.91 -17.96
CA GLN A 382 12.17 14.54 -18.06
C GLN A 382 13.24 13.44 -17.95
N ASP A 383 14.25 13.51 -18.82
CA ASP A 383 15.34 12.52 -18.85
C ASP A 383 16.11 12.28 -17.54
N MET A 384 15.86 13.09 -16.52
CA MET A 384 16.57 12.95 -15.25
C MET A 384 15.86 12.04 -14.25
N LEU A 385 14.85 11.29 -14.70
CA LEU A 385 14.12 10.42 -13.79
C LEU A 385 14.38 8.93 -14.01
N CYS A 386 15.24 8.63 -14.99
CA CYS A 386 15.57 7.24 -15.34
C CYS A 386 16.20 6.43 -14.22
N THR A 387 15.65 5.23 -13.98
CA THR A 387 16.10 4.29 -12.94
C THR A 387 15.73 4.74 -11.53
N HIS A 388 15.08 5.89 -11.43
CA HIS A 388 14.66 6.42 -10.14
C HIS A 388 13.14 6.31 -9.98
N GLU A 389 12.50 5.58 -10.88
CA GLU A 389 11.04 5.40 -10.85
C GLU A 389 10.61 4.71 -9.57
N GLU A 390 11.59 4.14 -8.87
CA GLU A 390 11.32 3.44 -7.62
C GLU A 390 12.20 3.98 -6.49
N THR A 391 12.62 5.24 -6.64
CA THR A 391 13.44 5.94 -5.65
C THR A 391 12.52 6.88 -4.87
N PHE A 392 12.18 6.49 -3.65
CA PHE A 392 11.30 7.29 -2.81
C PHE A 392 12.05 8.04 -1.73
N GLY A 393 11.70 9.30 -1.55
CA GLY A 393 12.34 10.13 -0.55
C GLY A 393 11.74 11.52 -0.58
N PRO A 394 12.05 12.38 0.40
CA PRO A 394 11.50 13.74 0.45
C PRO A 394 12.12 14.63 -0.63
N LEU A 395 11.97 14.23 -1.88
CA LEU A 395 12.55 14.95 -3.00
C LEU A 395 11.49 15.41 -4.02
N ALA A 396 11.55 16.68 -4.42
CA ALA A 396 10.57 17.21 -5.37
C ALA A 396 11.14 17.94 -6.60
N PRO A 397 11.29 17.22 -7.74
CA PRO A 397 11.80 17.82 -8.98
C PRO A 397 10.69 18.54 -9.76
N VAL A 398 10.85 19.83 -10.02
CA VAL A 398 9.86 20.62 -10.76
C VAL A 398 10.23 20.79 -12.24
N ILE A 399 9.36 20.30 -13.13
CA ILE A 399 9.58 20.40 -14.57
C ILE A 399 8.57 21.37 -15.16
N LYS A 400 9.07 22.44 -15.78
CA LYS A 400 8.22 23.44 -16.39
C LYS A 400 7.66 22.94 -17.73
N PHE A 401 6.45 23.38 -18.08
CA PHE A 401 5.83 22.99 -19.35
C PHE A 401 5.03 24.17 -19.90
N ASP A 402 4.77 24.15 -21.21
CA ASP A 402 4.03 25.24 -21.86
C ASP A 402 2.55 24.97 -22.04
N THR A 403 2.23 23.89 -22.73
CA THR A 403 0.85 23.56 -23.01
C THR A 403 0.32 22.30 -22.33
N GLU A 404 -1.00 22.20 -22.28
CA GLU A 404 -1.69 21.08 -21.66
C GLU A 404 -1.33 19.78 -22.37
N GLU A 405 -1.41 19.81 -23.70
CA GLU A 405 -1.09 18.63 -24.51
C GLU A 405 0.29 18.09 -24.11
N GLU A 406 1.19 19.04 -23.82
CA GLU A 406 2.56 18.73 -23.43
C GLU A 406 2.64 18.03 -22.07
N ALA A 407 1.91 18.60 -21.09
CA ALA A 407 1.88 18.05 -19.74
C ALA A 407 1.32 16.63 -19.72
N ILE A 408 0.23 16.43 -20.44
CA ILE A 408 -0.40 15.12 -20.53
C ILE A 408 0.56 14.14 -21.21
N ALA A 409 1.20 14.58 -22.28
CA ALA A 409 2.14 13.75 -23.02
C ALA A 409 3.30 13.32 -22.12
N ILE A 410 3.82 14.26 -21.32
CA ILE A 410 4.91 13.97 -20.41
C ILE A 410 4.47 13.02 -19.31
N ALA A 411 3.32 13.31 -18.71
CA ALA A 411 2.77 12.50 -17.62
C ALA A 411 2.51 11.07 -18.04
N ASN A 412 1.93 10.89 -19.21
CA ASN A 412 1.64 9.55 -19.69
C ASN A 412 2.88 8.86 -20.23
N ALA A 413 4.01 9.56 -20.17
CA ALA A 413 5.28 9.02 -20.66
C ALA A 413 5.45 7.56 -20.30
N ALA A 414 5.91 7.31 -19.07
CA ALA A 414 6.14 5.94 -18.60
C ALA A 414 5.02 4.95 -18.93
N ASP A 415 5.36 3.67 -18.94
CA ASP A 415 4.39 2.61 -19.19
C ASP A 415 3.85 2.26 -17.80
N VAL A 416 3.90 3.27 -16.93
CA VAL A 416 3.44 3.16 -15.56
C VAL A 416 2.08 3.87 -15.44
N GLY A 417 1.40 3.72 -14.31
CA GLY A 417 0.12 4.35 -14.14
C GLY A 417 -0.63 3.98 -12.88
N LEU A 418 -0.23 4.56 -11.76
CA LEU A 418 -0.89 4.29 -10.48
C LEU A 418 -1.71 5.51 -10.08
N ALA A 419 -1.07 6.49 -9.45
CA ALA A 419 -1.78 7.70 -9.03
C ALA A 419 -1.34 8.89 -9.87
N GLY A 420 -2.19 9.91 -9.92
CA GLY A 420 -1.88 11.11 -10.69
C GLY A 420 -2.63 12.29 -10.08
N TYR A 421 -1.97 13.44 -9.99
CA TYR A 421 -2.62 14.61 -9.42
C TYR A 421 -2.49 15.83 -10.30
N PHE A 422 -3.45 16.74 -10.19
CA PHE A 422 -3.40 17.98 -10.94
C PHE A 422 -4.33 19.03 -10.34
N TYR A 423 -3.93 20.29 -10.47
CA TYR A 423 -4.72 21.39 -9.94
C TYR A 423 -5.14 22.33 -11.07
N SER A 424 -6.43 22.68 -11.08
CA SER A 424 -6.98 23.56 -12.10
C SER A 424 -8.32 24.13 -11.67
N GLN A 425 -8.73 25.22 -12.31
CA GLN A 425 -10.01 25.83 -11.99
C GLN A 425 -10.90 25.91 -13.23
N ASP A 426 -10.45 25.27 -14.30
CA ASP A 426 -11.18 25.22 -15.57
C ASP A 426 -12.03 23.94 -15.63
N PRO A 427 -13.37 24.07 -15.47
CA PRO A 427 -14.30 22.94 -15.50
C PRO A 427 -14.06 21.96 -16.64
N ALA A 428 -13.92 22.50 -17.85
CA ALA A 428 -13.69 21.67 -19.02
C ALA A 428 -12.33 20.96 -18.96
N GLN A 429 -11.29 21.70 -18.60
CA GLN A 429 -9.94 21.14 -18.53
C GLN A 429 -9.87 20.01 -17.51
N ILE A 430 -10.62 20.14 -16.43
CA ILE A 430 -10.62 19.12 -15.39
C ILE A 430 -11.05 17.76 -15.94
N TRP A 431 -12.07 17.75 -16.80
CA TRP A 431 -12.51 16.49 -17.38
C TRP A 431 -11.50 15.93 -18.40
N ARG A 432 -11.01 16.77 -19.29
CA ARG A 432 -10.03 16.36 -20.29
C ARG A 432 -8.83 15.68 -19.66
N VAL A 433 -8.21 16.34 -18.69
CA VAL A 433 -7.04 15.77 -18.03
C VAL A 433 -7.39 14.51 -17.24
N ALA A 434 -8.39 14.60 -16.35
CA ALA A 434 -8.81 13.47 -15.54
C ALA A 434 -9.06 12.21 -16.36
N GLU A 435 -9.60 12.38 -17.57
CA GLU A 435 -9.87 11.23 -18.43
C GLU A 435 -8.69 10.78 -19.26
N GLN A 436 -7.81 11.71 -19.63
CA GLN A 436 -6.67 11.38 -20.46
C GLN A 436 -5.45 10.90 -19.71
N LEU A 437 -5.38 11.22 -18.42
CA LEU A 437 -4.26 10.79 -17.58
C LEU A 437 -4.35 9.26 -17.43
N GLU A 438 -3.45 8.54 -18.10
CA GLU A 438 -3.41 7.08 -18.05
C GLU A 438 -2.92 6.60 -16.69
N VAL A 439 -3.79 6.72 -15.71
CA VAL A 439 -3.44 6.34 -14.35
C VAL A 439 -4.67 5.65 -13.73
N GLY A 440 -4.45 4.95 -12.62
CA GLY A 440 -5.55 4.26 -11.96
C GLY A 440 -6.35 5.15 -11.02
N MET A 441 -5.71 6.20 -10.52
CA MET A 441 -6.36 7.12 -9.60
C MET A 441 -5.93 8.55 -9.92
N VAL A 442 -6.88 9.47 -9.91
CA VAL A 442 -6.60 10.86 -10.21
C VAL A 442 -7.12 11.77 -9.14
N GLY A 443 -6.27 12.67 -8.65
CA GLY A 443 -6.69 13.62 -7.65
C GLY A 443 -6.91 14.96 -8.33
N VAL A 444 -8.09 15.56 -8.16
CA VAL A 444 -8.41 16.85 -8.76
C VAL A 444 -8.46 17.93 -7.66
N ASN A 445 -7.48 18.81 -7.67
CA ASN A 445 -7.38 19.88 -6.68
C ASN A 445 -7.27 19.30 -5.27
N GLU A 446 -6.66 18.11 -5.19
CA GLU A 446 -6.46 17.43 -3.93
C GLU A 446 -5.20 16.58 -3.98
N GLY A 447 -4.40 16.62 -2.92
CA GLY A 447 -3.16 15.85 -2.88
C GLY A 447 -3.27 14.56 -2.08
N LEU A 448 -4.37 14.39 -1.37
CA LEU A 448 -4.60 13.19 -0.57
C LEU A 448 -5.92 12.57 -1.01
N ILE A 449 -5.86 11.40 -1.62
CA ILE A 449 -7.08 10.75 -2.12
C ILE A 449 -7.46 9.45 -1.44
N SER A 450 -6.77 9.08 -0.36
CA SER A 450 -7.07 7.85 0.35
C SER A 450 -8.53 7.75 0.75
N SER A 451 -9.08 6.56 0.65
CA SER A 451 -10.49 6.31 0.99
C SER A 451 -10.75 4.81 0.87
N VAL A 452 -11.33 4.21 1.90
CA VAL A 452 -11.60 2.77 1.86
C VAL A 452 -12.82 2.40 1.01
N GLU A 453 -13.63 3.40 0.66
CA GLU A 453 -14.80 3.13 -0.15
C GLU A 453 -14.58 3.37 -1.64
N CYS A 454 -13.36 3.72 -2.04
CA CYS A 454 -13.03 3.93 -3.45
C CYS A 454 -12.00 2.91 -3.90
N PRO A 455 -12.02 2.52 -5.19
CA PRO A 455 -11.12 1.53 -5.79
C PRO A 455 -9.67 1.96 -6.05
N PHE A 456 -8.73 1.36 -5.32
CA PHE A 456 -7.30 1.66 -5.47
C PHE A 456 -6.58 0.63 -6.34
N GLY A 457 -5.73 1.12 -7.24
CA GLY A 457 -5.00 0.22 -8.12
C GLY A 457 -4.38 0.95 -9.28
N GLY A 458 -3.86 0.21 -10.25
CA GLY A 458 -3.22 0.85 -11.38
C GLY A 458 -3.43 0.18 -12.72
N VAL A 459 -3.04 0.90 -13.78
CA VAL A 459 -3.17 0.41 -15.15
C VAL A 459 -1.81 0.03 -15.73
N LYS A 460 -1.83 -0.53 -16.94
CA LYS A 460 -0.60 -0.95 -17.61
C LYS A 460 0.23 -1.75 -16.61
N GLN A 461 1.52 -1.44 -16.53
CA GLN A 461 2.43 -2.17 -15.63
C GLN A 461 2.42 -1.81 -14.15
N SER A 462 1.46 -0.98 -13.74
CA SER A 462 1.40 -0.59 -12.33
C SER A 462 0.60 -1.56 -11.49
N GLY A 463 -0.06 -2.54 -12.11
CA GLY A 463 -0.81 -3.49 -11.32
C GLY A 463 -1.93 -4.24 -12.00
N LEU A 464 -2.68 -5.00 -11.19
CA LEU A 464 -3.82 -5.80 -11.64
C LEU A 464 -4.89 -5.80 -10.54
N GLY A 465 -6.14 -5.58 -10.92
CA GLY A 465 -7.20 -5.58 -9.93
C GLY A 465 -7.27 -4.33 -9.08
N ARG A 466 -8.21 -4.28 -8.15
CA ARG A 466 -8.37 -3.12 -7.28
C ARG A 466 -8.63 -3.53 -5.84
N GLU A 467 -8.33 -2.63 -4.91
CA GLU A 467 -8.55 -2.90 -3.49
C GLU A 467 -9.44 -1.82 -2.88
N GLY A 468 -10.18 -2.18 -1.83
CA GLY A 468 -11.08 -1.23 -1.22
C GLY A 468 -12.32 -1.15 -2.08
N SER A 469 -13.23 -0.23 -1.74
CA SER A 469 -14.48 -0.01 -2.48
C SER A 469 -15.33 -1.27 -2.65
N LYS A 470 -16.37 -1.14 -3.47
CA LYS A 470 -17.29 -2.23 -3.74
C LYS A 470 -16.73 -3.25 -4.74
N TYR A 471 -15.54 -2.99 -5.26
CA TYR A 471 -14.92 -3.90 -6.22
C TYR A 471 -13.86 -4.76 -5.55
N GLY A 472 -13.42 -4.34 -4.37
CA GLY A 472 -12.38 -5.08 -3.67
C GLY A 472 -12.67 -6.56 -3.46
N ILE A 473 -13.87 -6.88 -2.97
CA ILE A 473 -14.21 -8.26 -2.71
C ILE A 473 -14.21 -9.14 -3.96
N ASP A 474 -14.35 -8.51 -5.12
CA ASP A 474 -14.40 -9.26 -6.38
C ASP A 474 -13.12 -10.03 -6.69
N GLU A 475 -11.99 -9.49 -6.25
CA GLU A 475 -10.69 -10.14 -6.45
C GLU A 475 -10.61 -11.50 -5.78
N TYR A 476 -11.53 -11.76 -4.86
CA TYR A 476 -11.53 -13.02 -4.12
C TYR A 476 -12.70 -13.96 -4.38
N LEU A 477 -13.51 -13.67 -5.39
CA LEU A 477 -14.66 -14.52 -5.71
C LEU A 477 -14.52 -15.18 -7.07
N GLU A 478 -15.27 -16.28 -7.26
CA GLU A 478 -15.31 -17.00 -8.52
C GLU A 478 -16.76 -17.10 -8.95
N LEU A 479 -17.05 -16.84 -10.22
CA LEU A 479 -18.42 -16.93 -10.69
C LEU A 479 -18.77 -18.34 -11.14
N LYS A 480 -19.97 -18.79 -10.79
CA LYS A 480 -20.43 -20.11 -11.18
C LYS A 480 -21.79 -19.98 -11.87
N TYR A 481 -21.82 -20.31 -13.15
CA TYR A 481 -23.05 -20.26 -13.89
C TYR A 481 -23.75 -21.59 -13.68
N VAL A 482 -24.96 -21.55 -13.16
CA VAL A 482 -25.74 -22.76 -12.91
C VAL A 482 -26.95 -22.76 -13.84
N CYS A 483 -26.93 -23.66 -14.81
CA CYS A 483 -28.05 -23.74 -15.74
C CYS A 483 -29.06 -24.74 -15.20
N TYR A 484 -30.08 -24.22 -14.52
CA TYR A 484 -31.11 -25.05 -13.93
C TYR A 484 -32.10 -25.40 -15.04
N GLY A 485 -32.02 -26.63 -15.55
CA GLY A 485 -32.91 -27.04 -16.62
C GLY A 485 -33.84 -28.18 -16.22
N GLY A 486 -34.38 -28.87 -17.22
CA GLY A 486 -35.27 -29.97 -16.94
C GLY A 486 -36.64 -29.47 -16.52
N LEU A 487 -36.95 -28.26 -16.96
CA LEU A 487 -38.22 -27.61 -16.65
C LEU A 487 -39.10 -27.62 -17.90
S SO4 B . 14.68 20.92 10.60
O1 SO4 B . 14.34 20.73 9.16
O2 SO4 B . 13.96 22.10 11.13
O3 SO4 B . 14.27 19.72 11.37
O4 SO4 B . 16.14 21.10 10.72
S SO4 C . -2.86 25.61 -22.90
O1 SO4 C . -2.43 26.96 -23.28
O2 SO4 C . -4.31 25.47 -23.13
O3 SO4 C . -2.14 24.61 -23.72
O4 SO4 C . -2.58 25.39 -21.47
S SO4 D . 10.17 -5.76 -2.72
O1 SO4 D . 9.49 -4.44 -2.73
O2 SO4 D . 9.20 -6.80 -3.12
O3 SO4 D . 11.29 -5.74 -3.67
O4 SO4 D . 10.67 -6.04 -1.36
S SO4 E . -2.17 -26.95 24.26
O1 SO4 E . -0.99 -27.70 23.81
O2 SO4 E . -1.88 -25.50 24.21
O3 SO4 E . -3.32 -27.26 23.38
O4 SO4 E . -2.51 -27.33 25.65
S SO4 F . 12.81 28.41 -20.08
O1 SO4 F . 14.12 27.72 -20.23
O2 SO4 F . 13.03 29.81 -19.70
O3 SO4 F . 12.08 28.34 -21.37
O4 SO4 F . 12.03 27.72 -19.03
S SO4 G . -26.24 -0.82 -6.65
O1 SO4 G . -24.81 -0.45 -6.82
O2 SO4 G . -27.06 0.39 -6.45
O3 SO4 G . -26.70 -1.56 -7.84
O4 SO4 G . -26.37 -1.70 -5.46
S SO4 H . -3.24 7.63 5.38
O1 SO4 H . -2.29 8.59 4.76
O2 SO4 H . -4.59 8.20 5.35
O3 SO4 H . -3.21 6.35 4.64
O4 SO4 H . -2.84 7.39 6.79
S SO4 I . 25.08 -10.78 5.90
O1 SO4 I . 25.29 -9.87 4.76
O2 SO4 I . 24.54 -10.01 7.05
O3 SO4 I . 24.12 -11.84 5.53
O4 SO4 I . 26.37 -11.40 6.29
S SO4 J . -0.10 -20.38 21.89
O1 SO4 J . 1.04 -19.83 21.10
O2 SO4 J . -1.38 -19.85 21.31
O3 SO4 J . -0.09 -21.89 21.81
O4 SO4 J . 0.04 -19.94 23.32
C1 GOL K . 18.97 26.77 2.31
O1 GOL K . 17.81 27.52 2.06
C2 GOL K . 18.62 25.27 2.27
O2 GOL K . 18.33 24.75 3.56
C3 GOL K . 19.80 24.48 1.70
O3 GOL K . 20.16 24.90 0.39
C1 GOL L . 21.40 0.71 8.94
O1 GOL L . 21.65 2.12 9.00
C2 GOL L . 21.08 0.31 7.50
O2 GOL L . 19.94 0.98 7.01
C3 GOL L . 20.82 -1.19 7.39
O3 GOL L . 21.90 -1.97 7.84
C1 SIN M . -2.40 4.81 0.36
O1 SIN M . -2.75 4.33 1.64
O2 SIN M . -2.57 6.02 0.07
C2 SIN M . -1.84 3.80 -0.61
C3 SIN M . -0.31 3.90 -0.63
C4 SIN M . 0.26 2.97 -1.69
O3 SIN M . 1.50 2.87 -1.92
#